data_4DRI
#
_entry.id   4DRI
#
_cell.length_a   59.503
_cell.length_b   59.554
_cell.length_c   67.787
_cell.angle_alpha   90.000
_cell.angle_beta   90.000
_cell.angle_gamma   90.000
#
_symmetry.space_group_name_H-M   'P 21 21 21'
#
loop_
_entity.id
_entity.type
_entity.pdbx_description
1 polymer 'Peptidyl-prolyl cis-trans isomerase FKBP5'
2 polymer 'Serine/threonine-protein kinase mTOR'
3 non-polymer 'RAPAMYCIN IMMUNOSUPPRESSANT DRUG'
4 water water
#
loop_
_entity_poly.entity_id
_entity_poly.type
_entity_poly.pdbx_seq_one_letter_code
_entity_poly.pdbx_strand_id
1 'polypeptide(L)'
;GAMGMTTDEGAKNNEESPTATVAEQGEDITSKKDRGVLKIVKRVGNGEETPMIGDKVYVHYKGKLSNGKKFDSSHDRNEP
FVFSLGKGQVIKAWDIGVATMKKGEICHLLCKPEYAYGSAGSLPKIPSNATLFFEIELLDFKGE
;
A
2 'polypeptide(L)'
;GAMDPEFMEMWHEGLEEASRLYFGERNVKGMFEVLEPLHAMMERGPQTLKETSFNQAYGRDLMEAQEWCRKYMKSGNVKD
LTQAWDLYYHVFRRISKQ
;
B
#
loop_
_chem_comp.id
_chem_comp.type
_chem_comp.name
_chem_comp.formula
RAP non-polymer 'RAPAMYCIN IMMUNOSUPPRESSANT DRUG' 'C51 H79 N O13'
#
# COMPACT_ATOMS: atom_id res chain seq x y z
N GLU A 24 0.22 -27.59 3.73
CA GLU A 24 0.40 -26.41 4.60
C GLU A 24 1.43 -26.64 5.70
N GLN A 25 2.22 -25.62 5.94
CA GLN A 25 3.25 -25.69 6.94
C GLN A 25 3.21 -24.36 7.69
N GLY A 26 3.36 -24.43 9.01
CA GLY A 26 3.36 -23.23 9.81
C GLY A 26 2.46 -23.28 11.03
N GLU A 27 2.67 -22.33 11.93
CA GLU A 27 1.92 -22.24 13.18
C GLU A 27 0.73 -21.32 13.00
N ASP A 28 -0.43 -21.76 13.48
CA ASP A 28 -1.63 -20.97 13.35
C ASP A 28 -1.55 -19.82 14.32
N ILE A 29 -1.58 -18.61 13.78
CA ILE A 29 -1.50 -17.39 14.61
C ILE A 29 -2.83 -16.64 14.66
N THR A 30 -3.92 -17.23 14.14
CA THR A 30 -5.20 -16.55 14.18
C THR A 30 -5.80 -16.64 15.56
N SER A 31 -6.59 -15.63 15.93
CA SER A 31 -7.25 -15.64 17.21
C SER A 31 -8.35 -16.71 17.23
N LYS A 32 -8.98 -16.98 16.08
CA LYS A 32 -10.04 -17.99 15.99
C LYS A 32 -9.50 -19.42 15.90
N LYS A 33 -8.18 -19.55 15.71
CA LYS A 33 -7.52 -20.84 15.49
C LYS A 33 -8.20 -21.62 14.37
N ASP A 34 -8.43 -20.93 13.26
CA ASP A 34 -9.04 -21.52 12.07
C ASP A 34 -8.03 -21.82 10.94
N ARG A 35 -6.72 -21.77 11.25
CA ARG A 35 -5.65 -22.05 10.28
C ARG A 35 -5.65 -21.06 9.12
N GLY A 36 -6.22 -19.88 9.37
CA GLY A 36 -6.31 -18.86 8.34
C GLY A 36 -5.01 -18.13 8.02
N VAL A 37 -4.09 -18.14 8.98
CA VAL A 37 -2.80 -17.48 8.81
C VAL A 37 -1.81 -18.38 9.52
N LEU A 38 -0.89 -18.98 8.76
CA LEU A 38 0.13 -19.88 9.30
C LEU A 38 1.53 -19.25 9.16
N LYS A 39 2.27 -19.21 10.29
CA LYS A 39 3.54 -18.48 10.32
C LYS A 39 4.72 -19.42 10.50
N ILE A 40 5.80 -19.11 9.80
CA ILE A 40 7.11 -19.76 9.99
C ILE A 40 8.16 -18.65 10.20
N VAL A 41 9.02 -18.82 11.21
CA VAL A 41 10.12 -17.88 11.42
C VAL A 41 11.34 -18.33 10.60
N LYS A 42 11.75 -17.47 9.67
CA LYS A 42 12.93 -17.74 8.79
C LYS A 42 14.21 -17.16 9.36
N ARG A 43 14.07 -16.03 10.05
CA ARG A 43 15.19 -15.44 10.81
C ARG A 43 14.67 -14.84 12.10
N VAL A 44 15.24 -15.25 13.22
CA VAL A 44 14.85 -14.70 14.50
C VAL A 44 15.29 -13.24 14.60
N GLY A 45 14.40 -12.40 15.14
CA GLY A 45 14.70 -10.99 15.30
C GLY A 45 15.31 -10.67 16.64
N ASN A 46 15.32 -9.37 16.93
CA ASN A 46 15.87 -8.76 18.16
C ASN A 46 14.81 -7.83 18.71
N GLY A 47 13.87 -8.36 19.48
CA GLY A 47 13.25 -7.54 20.49
C GLY A 47 13.09 -8.35 21.73
N GLU A 48 12.37 -7.77 22.67
CA GLU A 48 11.38 -8.52 23.40
C GLU A 48 10.13 -8.06 22.65
N GLU A 49 10.22 -6.86 22.07
CA GLU A 49 9.06 -6.08 21.71
C GLU A 49 8.53 -6.38 20.32
N THR A 50 7.21 -6.47 20.23
CA THR A 50 6.50 -6.57 18.96
C THR A 50 5.81 -5.21 18.77
N PRO A 51 5.54 -4.81 17.53
CA PRO A 51 4.85 -3.52 17.33
C PRO A 51 3.46 -3.46 17.89
N MET A 52 3.08 -2.27 18.30
CA MET A 52 1.78 -2.04 18.91
C MET A 52 0.79 -1.47 17.92
N ILE A 53 -0.49 -1.55 18.27
CA ILE A 53 -1.54 -1.02 17.40
C ILE A 53 -1.18 0.42 17.03
N GLY A 54 -1.32 0.74 15.75
CA GLY A 54 -1.10 2.10 15.29
C GLY A 54 0.34 2.45 14.96
N ASP A 55 1.26 1.59 15.35
CA ASP A 55 2.68 1.87 15.05
C ASP A 55 2.87 1.99 13.56
N LYS A 56 3.86 2.81 13.18
CA LYS A 56 4.31 2.85 11.78
C LYS A 56 5.35 1.75 11.66
N VAL A 57 5.12 0.87 10.68
CA VAL A 57 5.95 -0.29 10.53
C VAL A 57 6.62 -0.22 9.17
N TYR A 58 7.88 -0.63 9.11
CA TYR A 58 8.68 -0.58 7.88
C TYR A 58 9.14 -1.99 7.57
N VAL A 59 8.86 -2.48 6.37
CA VAL A 59 9.17 -3.88 6.03
C VAL A 59 9.73 -3.98 4.64
N HIS A 60 10.43 -5.08 4.38
CA HIS A 60 10.52 -5.58 3.00
C HIS A 60 9.69 -6.83 2.88
N TYR A 61 9.23 -7.11 1.67
CA TYR A 61 8.35 -8.28 1.51
C TYR A 61 8.39 -8.80 0.08
N LYS A 62 7.97 -10.05 -0.03
CA LYS A 62 7.74 -10.70 -1.35
C LYS A 62 6.39 -11.42 -1.21
N GLY A 63 5.59 -11.40 -2.28
CA GLY A 63 4.30 -12.06 -2.28
C GLY A 63 4.28 -13.04 -3.42
N LYS A 64 3.77 -14.22 -3.13
CA LYS A 64 3.64 -15.32 -4.13
C LYS A 64 2.28 -15.99 -4.04
N LEU A 65 1.78 -16.47 -5.18
CA LEU A 65 0.59 -17.29 -5.20
C LEU A 65 0.97 -18.69 -4.73
N SER A 66 -0.05 -19.55 -4.56
CA SER A 66 0.14 -20.86 -3.94
C SER A 66 0.96 -21.77 -4.85
N ASN A 67 1.08 -21.44 -6.13
CA ASN A 67 1.90 -22.20 -7.04
C ASN A 67 3.32 -21.69 -7.13
N GLY A 68 3.64 -20.71 -6.28
CA GLY A 68 4.99 -20.14 -6.17
C GLY A 68 5.29 -18.99 -7.11
N LYS A 69 4.30 -18.58 -7.90
CA LYS A 69 4.48 -17.45 -8.78
C LYS A 69 4.51 -16.13 -7.99
N LYS A 70 5.58 -15.36 -8.16
CA LYS A 70 5.71 -14.05 -7.54
C LYS A 70 4.69 -13.09 -8.13
N PHE A 71 4.03 -12.33 -7.26
CA PHE A 71 3.19 -11.22 -7.72
C PHE A 71 3.70 -9.87 -7.25
N ASP A 72 4.60 -9.85 -6.27
CA ASP A 72 5.15 -8.52 -5.90
C ASP A 72 6.41 -8.70 -5.06
N SER A 73 7.27 -7.68 -5.06
CA SER A 73 8.46 -7.54 -4.17
C SER A 73 8.63 -6.10 -3.81
N SER A 74 8.73 -5.79 -2.51
CA SER A 74 8.88 -4.41 -2.02
C SER A 74 10.04 -3.70 -2.64
N HIS A 75 11.11 -4.43 -2.95
CA HIS A 75 12.34 -3.82 -3.44
C HIS A 75 12.19 -3.06 -4.75
N ASP A 76 11.11 -3.35 -5.47
CA ASP A 76 10.91 -2.67 -6.76
C ASP A 76 10.52 -1.19 -6.54
N ARG A 77 10.12 -0.85 -5.31
CA ARG A 77 9.82 0.56 -4.96
C ARG A 77 11.02 1.31 -4.37
N ASN A 78 12.14 0.60 -4.21
CA ASN A 78 13.43 1.19 -3.86
C ASN A 78 13.54 1.75 -2.44
N GLU A 79 12.56 1.41 -1.59
CA GLU A 79 12.63 1.78 -0.16
C GLU A 79 11.68 0.86 0.58
N PRO A 80 11.86 0.73 1.91
CA PRO A 80 10.93 -0.11 2.66
C PRO A 80 9.47 0.30 2.52
N PHE A 81 8.64 -0.73 2.51
CA PHE A 81 7.19 -0.53 2.50
C PHE A 81 6.78 -0.09 3.90
N VAL A 82 5.91 0.90 3.99
CA VAL A 82 5.48 1.44 5.30
C VAL A 82 3.97 1.46 5.39
N PHE A 83 3.46 1.04 6.55
CA PHE A 83 2.02 1.16 6.79
C PHE A 83 1.79 1.29 8.30
N SER A 84 0.58 1.65 8.70
CA SER A 84 0.23 1.76 10.12
C SER A 84 -0.49 0.50 10.54
N LEU A 85 0.04 -0.16 11.55
CA LEU A 85 -0.44 -1.48 11.98
C LEU A 85 -1.80 -1.42 12.67
N GLY A 86 -2.63 -2.44 12.39
CA GLY A 86 -3.88 -2.63 13.12
C GLY A 86 -5.01 -1.69 12.77
N LYS A 87 -4.91 -1.07 11.57
CA LYS A 87 -5.89 -0.11 11.07
C LYS A 87 -6.63 -0.61 9.82
N GLY A 88 -6.35 -1.85 9.39
CA GLY A 88 -7.01 -2.32 8.16
C GLY A 88 -6.49 -1.64 6.91
N GLN A 89 -5.27 -1.09 7.01
CA GLN A 89 -4.66 -0.51 5.80
C GLN A 89 -4.23 -1.61 4.84
N VAL A 90 -3.90 -2.74 5.41
CA VAL A 90 -3.47 -3.92 4.69
C VAL A 90 -4.39 -5.10 4.96
N ILE A 91 -4.21 -6.17 4.17
CA ILE A 91 -5.07 -7.36 4.39
C ILE A 91 -4.93 -7.89 5.83
N LYS A 92 -5.98 -8.60 6.27
CA LYS A 92 -5.99 -9.05 7.67
C LYS A 92 -4.77 -9.87 8.05
N ALA A 93 -4.33 -10.75 7.14
CA ALA A 93 -3.19 -11.59 7.48
C ALA A 93 -1.98 -10.78 7.85
N TRP A 94 -1.79 -9.62 7.22
CA TRP A 94 -0.63 -8.81 7.57
C TRP A 94 -0.81 -8.14 8.93
N ASP A 95 -2.03 -7.61 9.19
CA ASP A 95 -2.24 -6.94 10.51
C ASP A 95 -2.00 -7.96 11.62
N ILE A 96 -2.47 -9.21 11.40
CA ILE A 96 -2.26 -10.27 12.40
C ILE A 96 -0.79 -10.70 12.45
N GLY A 97 -0.21 -10.94 11.27
CA GLY A 97 1.16 -11.49 11.24
C GLY A 97 2.22 -10.51 11.70
N VAL A 98 2.16 -9.28 11.20
CA VAL A 98 3.23 -8.34 11.57
C VAL A 98 3.16 -8.03 13.08
N ALA A 99 1.96 -8.04 13.67
CA ALA A 99 1.86 -7.80 15.11
C ALA A 99 2.61 -8.83 15.99
N THR A 100 2.94 -9.99 15.40
CA THR A 100 3.65 -11.03 16.14
C THR A 100 5.16 -10.97 15.96
N MET A 101 5.64 -10.08 15.09
CA MET A 101 7.07 -10.06 14.74
C MET A 101 7.93 -9.17 15.63
N LYS A 102 9.20 -9.52 15.75
CA LYS A 102 10.21 -8.70 16.40
C LYS A 102 11.05 -7.96 15.35
N LYS A 103 11.65 -6.85 15.74
CA LYS A 103 12.53 -6.13 14.85
C LYS A 103 13.65 -7.04 14.36
N GLY A 104 13.85 -7.04 13.04
CA GLY A 104 14.87 -7.86 12.42
C GLY A 104 14.37 -9.23 12.00
N GLU A 105 13.18 -9.61 12.44
CA GLU A 105 12.67 -10.94 12.09
C GLU A 105 12.33 -11.01 10.62
N ILE A 106 12.49 -12.21 10.06
CA ILE A 106 11.89 -12.55 8.77
C ILE A 106 10.94 -13.70 9.01
N CYS A 107 9.70 -13.57 8.52
CA CYS A 107 8.80 -14.70 8.62
C CYS A 107 8.13 -14.97 7.28
N HIS A 108 7.59 -16.16 7.14
CA HIS A 108 6.71 -16.53 6.02
C HIS A 108 5.30 -16.66 6.56
N LEU A 109 4.34 -16.08 5.84
CA LEU A 109 2.92 -16.23 6.19
C LEU A 109 2.18 -16.89 5.06
N LEU A 110 1.44 -17.96 5.37
N LEU A 110 1.35 -17.87 5.42
CA LEU A 110 0.48 -18.52 4.47
CA LEU A 110 0.49 -18.55 4.50
C LEU A 110 -0.86 -17.92 4.86
C LEU A 110 -0.95 -18.10 4.80
N CYS A 111 -1.55 -17.33 3.88
CA CYS A 111 -2.73 -16.51 4.13
C CYS A 111 -3.92 -17.05 3.36
N LYS A 112 -4.87 -17.68 4.06
CA LYS A 112 -6.11 -18.15 3.41
C LYS A 112 -6.93 -16.96 2.88
N PRO A 113 -7.76 -17.18 1.87
CA PRO A 113 -8.47 -16.04 1.26
C PRO A 113 -9.29 -15.18 2.22
N GLU A 114 -9.83 -15.80 3.27
CA GLU A 114 -10.62 -15.07 4.25
C GLU A 114 -9.79 -14.05 4.98
N TYR A 115 -8.46 -14.18 4.94
CA TYR A 115 -7.56 -13.25 5.59
C TYR A 115 -6.76 -12.44 4.55
N ALA A 116 -7.22 -12.49 3.29
CA ALA A 116 -6.47 -11.84 2.19
C ALA A 116 -7.56 -11.16 1.32
N TYR A 117 -7.78 -11.59 0.08
CA TYR A 117 -8.66 -10.83 -0.81
C TYR A 117 -9.96 -11.55 -1.09
N GLY A 118 -10.20 -12.67 -0.41
CA GLY A 118 -11.55 -13.26 -0.46
C GLY A 118 -12.03 -13.60 -1.86
N SER A 119 -13.35 -13.50 -2.07
CA SER A 119 -13.89 -13.85 -3.38
C SER A 119 -13.61 -12.79 -4.45
N ALA A 120 -13.32 -11.55 -4.04
CA ALA A 120 -13.11 -10.50 -5.04
C ALA A 120 -11.70 -10.56 -5.65
N GLY A 121 -10.72 -11.09 -4.94
CA GLY A 121 -9.37 -11.16 -5.48
C GLY A 121 -8.73 -9.78 -5.51
N SER A 122 -7.59 -9.69 -6.20
CA SER A 122 -6.96 -8.41 -6.46
C SER A 122 -6.47 -8.52 -7.89
N LEU A 123 -7.41 -8.39 -8.81
CA LEU A 123 -7.11 -8.63 -10.21
C LEU A 123 -6.22 -7.53 -10.76
N PRO A 124 -5.41 -7.81 -11.81
CA PRO A 124 -5.31 -9.09 -12.55
C PRO A 124 -4.43 -10.13 -11.88
N LYS A 125 -3.59 -9.78 -10.92
CA LYS A 125 -2.59 -10.74 -10.45
C LYS A 125 -3.14 -11.78 -9.49
N ILE A 126 -4.09 -11.38 -8.67
CA ILE A 126 -4.58 -12.30 -7.62
C ILE A 126 -6.03 -12.70 -7.89
N PRO A 127 -6.26 -13.99 -8.18
CA PRO A 127 -7.63 -14.46 -8.48
C PRO A 127 -8.54 -14.53 -7.25
N SER A 128 -9.83 -14.72 -7.48
CA SER A 128 -10.79 -15.07 -6.45
C SER A 128 -10.31 -16.28 -5.62
N ASN A 129 -10.56 -16.23 -4.33
N ASN A 129 -10.58 -16.28 -4.33
CA ASN A 129 -10.35 -17.38 -3.45
CA ASN A 129 -10.34 -17.45 -3.45
C ASN A 129 -8.89 -17.88 -3.44
C ASN A 129 -8.87 -17.89 -3.32
N ALA A 130 -7.95 -16.95 -3.43
CA ALA A 130 -6.53 -17.28 -3.51
C ALA A 130 -5.89 -17.34 -2.14
N THR A 131 -5.14 -18.41 -1.87
CA THR A 131 -4.26 -18.47 -0.71
C THR A 131 -2.93 -17.84 -1.12
N LEU A 132 -2.43 -16.93 -0.29
CA LEU A 132 -1.22 -16.15 -0.64
C LEU A 132 -0.10 -16.52 0.31
N PHE A 133 1.13 -16.38 -0.21
CA PHE A 133 2.32 -16.57 0.60
C PHE A 133 3.07 -15.26 0.64
N PHE A 134 3.47 -14.80 1.82
CA PHE A 134 4.30 -13.64 1.91
C PHE A 134 5.54 -13.97 2.72
N GLU A 135 6.67 -13.41 2.29
CA GLU A 135 7.86 -13.32 3.16
C GLU A 135 7.93 -11.88 3.60
N ILE A 136 8.06 -11.65 4.90
CA ILE A 136 8.08 -10.29 5.44
C ILE A 136 9.32 -10.15 6.33
N GLU A 137 10.10 -9.09 6.10
CA GLU A 137 11.22 -8.71 6.99
C GLU A 137 10.78 -7.47 7.76
N LEU A 138 10.72 -7.53 9.07
CA LEU A 138 10.38 -6.34 9.85
C LEU A 138 11.62 -5.52 10.15
N LEU A 139 11.75 -4.38 9.47
CA LEU A 139 12.93 -3.52 9.60
C LEU A 139 12.94 -2.64 10.82
N ASP A 140 11.78 -2.06 11.11
CA ASP A 140 11.68 -1.03 12.14
C ASP A 140 10.22 -0.76 12.41
N PHE A 141 9.94 -0.15 13.56
CA PHE A 141 8.60 0.32 13.86
C PHE A 141 8.76 1.40 14.88
N LYS A 142 7.86 2.37 14.79
N LYS A 142 7.83 2.33 14.85
CA LYS A 142 7.86 3.50 15.73
CA LYS A 142 7.85 3.44 15.80
C LYS A 142 6.44 3.87 16.07
C LYS A 142 6.45 3.95 16.02
N GLY A 143 6.29 4.63 17.16
CA GLY A 143 4.98 4.96 17.70
C GLY A 143 4.06 5.74 16.80
N GLU A 144 4.64 6.60 15.96
CA GLU A 144 3.86 7.28 14.93
C GLU A 144 4.74 7.62 13.73
N GLY B 1 -9.79 32.82 4.02
CA GLY B 1 -8.33 32.65 4.28
C GLY B 1 -8.00 31.29 4.85
N ALA B 2 -8.23 31.12 6.15
CA ALA B 2 -7.88 29.89 6.87
C ALA B 2 -8.55 28.64 6.31
N MET B 3 -9.76 28.81 5.74
CA MET B 3 -10.54 27.68 5.24
C MET B 3 -10.14 27.21 3.84
N ASP B 4 -9.41 28.06 3.10
CA ASP B 4 -8.99 27.74 1.73
C ASP B 4 -7.95 26.62 1.73
N PRO B 5 -8.30 25.46 1.14
CA PRO B 5 -7.36 24.34 1.18
C PRO B 5 -6.19 24.56 0.23
N GLU B 6 -5.03 24.03 0.59
CA GLU B 6 -3.82 24.19 -0.18
C GLU B 6 -3.37 22.84 -0.73
N PHE B 7 -2.38 22.86 -1.62
CA PHE B 7 -1.93 21.64 -2.29
C PHE B 7 -1.80 20.42 -1.39
N MET B 8 -1.08 20.54 -0.27
CA MET B 8 -0.72 19.36 0.52
C MET B 8 -1.93 18.63 1.08
N GLU B 9 -2.84 19.40 1.67
CA GLU B 9 -4.09 18.87 2.19
C GLU B 9 -4.98 18.27 1.12
N MET B 10 -5.09 18.95 -0.03
N MET B 10 -5.12 18.97 -0.01
CA MET B 10 -5.93 18.47 -1.12
CA MET B 10 -5.91 18.47 -1.12
C MET B 10 -5.43 17.13 -1.67
C MET B 10 -5.42 17.10 -1.58
N TRP B 11 -4.11 16.99 -1.80
CA TRP B 11 -3.55 15.72 -2.27
C TRP B 11 -3.61 14.63 -1.21
N HIS B 12 -3.45 14.98 0.07
CA HIS B 12 -3.47 13.97 1.10
C HIS B 12 -4.88 13.36 1.16
N GLU B 13 -5.90 14.21 1.23
CA GLU B 13 -7.27 13.75 1.33
C GLU B 13 -7.67 13.05 0.02
N GLY B 14 -7.23 13.60 -1.10
CA GLY B 14 -7.63 13.08 -2.41
C GLY B 14 -7.00 11.74 -2.74
N LEU B 15 -5.72 11.57 -2.42
CA LEU B 15 -5.09 10.27 -2.65
C LEU B 15 -5.70 9.20 -1.77
N GLU B 16 -5.94 9.53 -0.50
N GLU B 16 -6.00 9.54 -0.52
CA GLU B 16 -6.64 8.61 0.37
CA GLU B 16 -6.64 8.57 0.36
C GLU B 16 -7.92 8.13 -0.31
C GLU B 16 -8.01 8.13 -0.16
N GLU B 17 -8.77 9.07 -0.71
CA GLU B 17 -10.07 8.72 -1.25
C GLU B 17 -9.97 7.98 -2.58
N ALA B 18 -9.11 8.45 -3.49
CA ALA B 18 -8.93 7.73 -4.73
C ALA B 18 -8.46 6.32 -4.51
N SER B 19 -7.60 6.09 -3.52
CA SER B 19 -7.11 4.75 -3.24
C SER B 19 -8.19 3.84 -2.66
N ARG B 20 -9.11 4.43 -1.88
CA ARG B 20 -10.20 3.65 -1.30
C ARG B 20 -11.08 3.24 -2.48
N LEU B 21 -11.35 4.17 -3.40
CA LEU B 21 -12.21 3.83 -4.53
C LEU B 21 -11.62 2.74 -5.40
N TYR B 22 -10.30 2.82 -5.66
CA TYR B 22 -9.66 1.83 -6.53
C TYR B 22 -9.39 0.50 -5.83
N PHE B 23 -8.62 0.52 -4.74
CA PHE B 23 -8.23 -0.73 -4.10
C PHE B 23 -9.36 -1.30 -3.24
N GLY B 24 -10.17 -0.44 -2.64
CA GLY B 24 -11.25 -0.89 -1.78
C GLY B 24 -12.49 -1.29 -2.58
N GLU B 25 -12.89 -0.45 -3.52
CA GLU B 25 -14.16 -0.61 -4.22
C GLU B 25 -14.06 -1.00 -5.71
N ARG B 26 -12.82 -1.14 -6.20
CA ARG B 26 -12.59 -1.61 -7.59
C ARG B 26 -13.26 -0.67 -8.59
N ASN B 27 -13.15 0.64 -8.34
CA ASN B 27 -13.87 1.64 -9.06
C ASN B 27 -12.87 2.58 -9.70
N VAL B 28 -12.38 2.18 -10.88
CA VAL B 28 -11.37 2.96 -11.62
C VAL B 28 -11.95 4.31 -12.06
N LYS B 29 -13.19 4.31 -12.50
N LYS B 29 -13.20 4.33 -12.49
CA LYS B 29 -13.86 5.53 -12.93
CA LYS B 29 -13.80 5.58 -12.95
C LYS B 29 -13.85 6.57 -11.81
C LYS B 29 -13.90 6.60 -11.81
N GLY B 30 -14.32 6.16 -10.62
CA GLY B 30 -14.38 7.03 -9.45
C GLY B 30 -13.00 7.52 -9.04
N MET B 31 -12.03 6.63 -9.12
CA MET B 31 -10.66 6.97 -8.79
C MET B 31 -10.22 8.12 -9.71
N PHE B 32 -10.48 7.99 -11.01
CA PHE B 32 -10.06 9.03 -11.94
C PHE B 32 -10.80 10.34 -11.69
N GLU B 33 -12.07 10.27 -11.29
CA GLU B 33 -12.83 11.48 -11.00
C GLU B 33 -12.24 12.28 -9.83
N VAL B 34 -11.57 11.60 -8.90
CA VAL B 34 -10.90 12.27 -7.80
C VAL B 34 -9.52 12.81 -8.25
N LEU B 35 -8.76 11.99 -8.98
CA LEU B 35 -7.39 12.37 -9.34
C LEU B 35 -7.32 13.49 -10.37
N GLU B 36 -8.23 13.50 -11.34
CA GLU B 36 -8.11 14.47 -12.45
C GLU B 36 -8.17 15.96 -12.02
N PRO B 37 -9.12 16.35 -11.16
CA PRO B 37 -9.11 17.74 -10.68
C PRO B 37 -7.85 18.11 -9.86
N LEU B 38 -7.26 17.14 -9.17
CA LEU B 38 -6.05 17.35 -8.41
C LEU B 38 -4.85 17.65 -9.33
N HIS B 39 -4.71 16.90 -10.43
CA HIS B 39 -3.67 17.25 -11.39
C HIS B 39 -3.98 18.59 -12.07
N ALA B 40 -5.26 18.84 -12.33
CA ALA B 40 -5.65 20.06 -13.03
C ALA B 40 -5.38 21.29 -12.18
N MET B 41 -5.45 21.16 -10.86
CA MET B 41 -5.15 22.29 -9.98
C MET B 41 -3.66 22.64 -9.94
N MET B 42 -2.81 21.63 -10.14
CA MET B 42 -1.35 21.85 -10.13
C MET B 42 -0.93 22.79 -11.26
N GLU B 43 -1.73 22.81 -12.34
CA GLU B 43 -1.44 23.64 -13.51
C GLU B 43 -1.49 25.15 -13.23
N ARG B 44 -2.35 25.58 -12.29
CA ARG B 44 -2.39 26.98 -11.87
C ARG B 44 -1.12 27.42 -11.13
N GLY B 45 -0.35 26.44 -10.63
CA GLY B 45 0.94 26.71 -9.98
C GLY B 45 0.82 27.07 -8.51
N PRO B 46 1.94 27.02 -7.76
CA PRO B 46 1.94 27.32 -6.32
C PRO B 46 1.62 28.80 -6.07
N GLN B 47 0.73 29.07 -5.11
CA GLN B 47 0.30 30.43 -4.79
C GLN B 47 0.77 30.82 -3.39
N THR B 48 1.44 29.91 -2.69
CA THR B 48 1.96 30.15 -1.34
C THR B 48 3.35 29.52 -1.16
N LEU B 49 4.05 29.97 -0.11
CA LEU B 49 5.31 29.36 0.33
C LEU B 49 5.19 27.84 0.50
N LYS B 50 4.17 27.40 1.24
CA LYS B 50 3.92 25.96 1.44
C LYS B 50 3.68 25.25 0.11
N GLU B 51 2.94 25.89 -0.80
CA GLU B 51 2.64 25.25 -2.10
C GLU B 51 3.87 25.16 -3.01
N THR B 52 4.71 26.18 -2.98
CA THR B 52 5.95 26.17 -3.76
C THR B 52 6.88 25.05 -3.28
N SER B 53 7.06 24.92 -1.96
CA SER B 53 7.84 23.80 -1.41
C SER B 53 7.26 22.46 -1.82
N PHE B 54 5.94 22.32 -1.67
CA PHE B 54 5.24 21.11 -2.10
C PHE B 54 5.48 20.82 -3.59
N ASN B 55 5.29 21.83 -4.42
CA ASN B 55 5.51 21.66 -5.87
C ASN B 55 6.96 21.30 -6.23
N GLN B 56 7.93 21.92 -5.54
CA GLN B 56 9.33 21.57 -5.71
C GLN B 56 9.65 20.14 -5.29
N ALA B 57 9.05 19.69 -4.19
CA ALA B 57 9.33 18.36 -3.66
C ALA B 57 8.63 17.30 -4.49
N TYR B 58 7.38 17.57 -4.88
CA TYR B 58 6.48 16.49 -5.33
C TYR B 58 5.91 16.64 -6.74
N GLY B 59 6.09 17.83 -7.33
CA GLY B 59 5.45 18.13 -8.61
C GLY B 59 5.85 17.21 -9.75
N ARG B 60 7.15 16.93 -9.86
CA ARG B 60 7.66 16.03 -10.90
C ARG B 60 7.05 14.64 -10.74
N ASP B 61 7.04 14.13 -9.50
CA ASP B 61 6.48 12.79 -9.22
C ASP B 61 4.99 12.71 -9.60
N LEU B 62 4.23 13.76 -9.27
CA LEU B 62 2.81 13.75 -9.62
C LEU B 62 2.59 13.85 -11.11
N MET B 63 3.42 14.62 -11.80
N MET B 63 3.39 14.65 -11.80
CA MET B 63 3.31 14.70 -13.27
CA MET B 63 3.32 14.71 -13.27
C MET B 63 3.65 13.38 -13.92
C MET B 63 3.54 13.30 -13.83
N GLU B 64 4.55 12.63 -13.29
CA GLU B 64 4.89 11.29 -13.81
C GLU B 64 3.72 10.33 -13.55
N ALA B 65 3.15 10.41 -12.37
CA ALA B 65 1.98 9.60 -12.09
C ALA B 65 0.84 9.84 -13.10
N GLN B 66 0.60 11.09 -13.44
CA GLN B 66 -0.41 11.40 -14.46
C GLN B 66 -0.03 10.78 -15.82
N GLU B 67 1.25 10.77 -16.15
N GLU B 67 1.26 10.77 -16.14
CA GLU B 67 1.68 10.18 -17.43
CA GLU B 67 1.75 10.18 -17.39
C GLU B 67 1.34 8.69 -17.42
C GLU B 67 1.50 8.68 -17.45
N TRP B 68 1.59 8.01 -16.31
CA TRP B 68 1.28 6.59 -16.25
C TRP B 68 -0.24 6.38 -16.34
N CYS B 69 -1.05 7.25 -15.72
CA CYS B 69 -2.51 7.11 -15.84
C CYS B 69 -2.98 7.34 -17.29
N ARG B 70 -2.40 8.32 -17.98
CA ARG B 70 -2.76 8.59 -19.37
C ARG B 70 -2.37 7.40 -20.22
N LYS B 71 -1.25 6.76 -19.90
CA LYS B 71 -0.90 5.55 -20.63
C LYS B 71 -1.92 4.43 -20.38
N TYR B 72 -2.27 4.23 -19.11
CA TYR B 72 -3.32 3.26 -18.78
C TYR B 72 -4.60 3.49 -19.60
N MET B 73 -4.98 4.74 -19.81
N MET B 73 -4.99 4.73 -19.83
CA MET B 73 -6.20 5.02 -20.59
CA MET B 73 -6.23 4.98 -20.57
C MET B 73 -6.14 4.40 -21.98
C MET B 73 -6.16 4.49 -22.02
N LYS B 74 -4.95 4.39 -22.56
CA LYS B 74 -4.72 3.79 -23.88
C LYS B 74 -4.43 2.26 -23.80
N SER B 75 -3.64 1.85 -22.81
CA SER B 75 -3.19 0.45 -22.78
C SER B 75 -4.17 -0.50 -22.12
N GLY B 76 -4.88 -0.02 -21.11
CA GLY B 76 -5.68 -0.88 -20.25
C GLY B 76 -4.83 -1.82 -19.41
N ASN B 77 -3.50 -1.66 -19.44
CA ASN B 77 -2.62 -2.55 -18.69
C ASN B 77 -2.57 -2.10 -17.24
N VAL B 78 -3.05 -2.91 -16.31
CA VAL B 78 -3.05 -2.48 -14.91
C VAL B 78 -1.66 -2.19 -14.35
N LYS B 79 -0.61 -2.78 -14.92
CA LYS B 79 0.75 -2.47 -14.50
C LYS B 79 1.05 -0.98 -14.64
N ASP B 80 0.44 -0.30 -15.63
CA ASP B 80 0.60 1.14 -15.78
C ASP B 80 -0.06 1.90 -14.64
N LEU B 81 -1.22 1.44 -14.19
CA LEU B 81 -1.83 2.08 -13.06
C LEU B 81 -1.07 1.81 -11.76
N THR B 82 -0.47 0.64 -11.66
CA THR B 82 0.35 0.30 -10.53
C THR B 82 1.57 1.22 -10.42
N GLN B 83 2.19 1.54 -11.55
CA GLN B 83 3.30 2.49 -11.58
C GLN B 83 2.82 3.81 -11.04
N ALA B 84 1.62 4.24 -11.45
CA ALA B 84 1.14 5.55 -11.00
C ALA B 84 0.97 5.52 -9.47
N TRP B 85 0.35 4.44 -8.98
CA TRP B 85 0.14 4.33 -7.53
C TRP B 85 1.43 4.20 -6.73
N ASP B 86 2.49 3.63 -7.33
CA ASP B 86 3.77 3.67 -6.61
C ASP B 86 4.22 5.11 -6.39
N LEU B 87 4.01 5.96 -7.41
CA LEU B 87 4.36 7.38 -7.26
C LEU B 87 3.42 8.11 -6.31
N TYR B 88 2.11 7.87 -6.43
CA TYR B 88 1.19 8.52 -5.50
C TYR B 88 1.52 8.12 -4.06
N TYR B 89 1.85 6.82 -3.85
CA TYR B 89 2.19 6.33 -2.49
C TYR B 89 3.48 7.01 -2.03
N HIS B 90 4.46 7.16 -2.92
CA HIS B 90 5.75 7.73 -2.58
C HIS B 90 5.57 9.16 -2.05
N VAL B 91 4.66 9.89 -2.71
CA VAL B 91 4.28 11.28 -2.33
C VAL B 91 3.51 11.24 -1.01
N PHE B 92 2.48 10.41 -0.97
CA PHE B 92 1.60 10.35 0.21
C PHE B 92 2.38 10.02 1.49
N ARG B 93 3.29 9.05 1.42
CA ARG B 93 4.01 8.65 2.66
C ARG B 93 4.91 9.75 3.21
N ARG B 94 5.27 10.72 2.37
CA ARG B 94 6.13 11.84 2.76
C ARG B 94 5.34 13.04 3.24
N ILE B 95 4.15 13.25 2.65
CA ILE B 95 3.32 14.37 3.11
C ILE B 95 2.51 14.03 4.36
N SER B 96 2.33 12.73 4.60
CA SER B 96 1.53 12.29 5.73
C SER B 96 2.43 11.97 6.92
C1 RAP C . -2.05 -5.21 0.92
O1 RAP C . -2.13 -4.20 -0.06
O2 RAP C . -2.80 -5.26 1.86
C2 RAP C . -0.98 -6.25 0.67
C3 RAP C . -0.09 -6.35 1.93
C4 RAP C . 0.87 -5.19 2.08
C5 RAP C . 1.73 -5.12 0.86
C6 RAP C . 0.86 -4.93 -0.40
N7 RAP C . -0.12 -6.01 -0.50
C8 RAP C . -0.29 -6.88 -1.54
O3 RAP C . -1.10 -7.77 -1.61
C9 RAP C . 0.61 -6.72 -2.69
O4 RAP C . 1.70 -7.31 -2.66
C10 RAP C . 0.22 -5.86 -3.89
O5 RAP C . 0.43 -4.53 -3.44
O6 RAP C . 1.11 -6.16 -4.95
C11 RAP C . -1.25 -6.06 -4.32
C12 RAP C . -1.63 -5.00 -5.35
C13 RAP C . -1.28 -3.59 -4.86
C14 RAP C . 0.17 -3.51 -4.39
C15 RAP C . 0.39 -2.24 -3.56
C16 RAP C . 0.30 -0.93 -4.34
O7 RAP C . 1.24 -0.98 -5.40
C17 RAP C . 0.53 0.27 -3.40
C18 RAP C . -0.49 1.13 -3.18
C19 RAP C . -0.44 2.28 -2.25
C20 RAP C . -1.50 3.09 -2.12
C21 RAP C . -1.42 4.14 -1.10
C22 RAP C . -2.50 4.85 -0.80
C23 RAP C . -2.54 5.92 0.27
C24 RAP C . -3.58 5.53 1.34
C25 RAP C . -3.36 4.20 2.06
C26 RAP C . -4.68 3.79 2.66
O8 RAP C . -4.98 4.10 3.79
C27 RAP C . -5.63 3.00 1.81
O9 RAP C . -6.92 3.03 2.36
C28 RAP C . -5.30 1.51 1.76
O10 RAP C . -5.07 1.08 3.10
C29 RAP C . -4.16 1.20 0.84
C30 RAP C . -2.99 0.73 1.30
C31 RAP C . -1.75 0.32 0.53
C32 RAP C . -1.74 -1.19 0.56
O11 RAP C . -1.05 -1.82 1.36
C33 RAP C . -2.62 -1.95 -0.43
C34 RAP C . -3.19 -3.25 0.09
C35 RAP C . -4.39 -3.73 -0.68
C36 RAP C . -5.64 -2.85 -0.54
C37 RAP C . -6.17 -2.67 0.91
C38 RAP C . -7.47 -1.87 0.81
C39 RAP C . -8.09 -1.62 2.19
O12 RAP C . -9.35 -0.93 2.05
C40 RAP C . -8.35 -2.96 2.89
O13 RAP C . -8.90 -2.75 4.21
C41 RAP C . -7.05 -3.75 3.00
C42 RAP C . -6.43 -3.99 1.62
C43 RAP C . -1.52 -7.46 -4.85
C44 RAP C . 1.91 0.51 -2.83
C45 RAP C . -2.90 7.27 -0.34
C46 RAP C . -2.23 4.29 3.10
C47 RAP C . -4.44 1.39 -0.63
C48 RAP C . -0.49 0.92 1.16
C49 RAP C . -4.13 -3.84 -2.20
C50 RAP C . 1.10 0.13 -6.30
C51 RAP C . -7.68 4.16 1.96
C52 RAP C . -9.21 0.45 1.66
#